data_6IIX
#
_entry.id   6IIX
#
_cell.length_a   132.536
_cell.length_b   132.536
_cell.length_c   48.598
_cell.angle_alpha   90.00
_cell.angle_beta   90.00
_cell.angle_gamma   120.00
#
_symmetry.space_group_name_H-M   'P 65'
#
loop_
_entity.id
_entity.type
_entity.pdbx_description
1 polymer acyltransferase
2 non-polymer 'OCTANOYL-COENZYME A'
3 non-polymer 'SULFATE ION'
4 water water
#
_entity_poly.entity_id   1
_entity_poly.type   'polypeptide(L)'
_entity_poly.pdbx_seq_one_letter_code
;MGSSHHHHHHSSGLVPRGSHMMMDPETVRIALGLEERTAAWLTELDELGPPAEPVRLPRGEEARDLLRRLEVPELDAEEI
VAAAPDPDRDPALWWLLERTHHAIVRHMGDHRAKPRGGPPLPYEGGAAARYFHVYVFLATVPAVRRFHAERGIPDEVGWE
TLTQLGELVAIHRRKYGQGGMNMQAWTTYHLRGILYRLGRLQFSLATGKDGTPHLGLAVPEWGGPLLPKAYDESLHRARP
FFDRHFPEHGARVAWGSSWMLDPQLEEYLTEDSNIIQLARFWTLTDSAPEPGNADGDSSILEFVFRYNGQPLDELPQRSS
LERAVIAHLKAGRHWHMRTGFVKLP
;
_entity_poly.pdbx_strand_id   A
#
# COMPACT_ATOMS: atom_id res chain seq x y z
N MET A 23 -14.02 -10.65 -25.45
CA MET A 23 -14.46 -11.45 -24.26
CA MET A 23 -14.41 -11.42 -24.21
C MET A 23 -15.46 -10.67 -23.43
N ASP A 24 -16.37 -11.40 -22.79
CA ASP A 24 -17.33 -10.79 -21.89
C ASP A 24 -16.86 -11.07 -20.46
N PRO A 25 -17.31 -10.24 -19.50
CA PRO A 25 -16.78 -10.35 -18.13
C PRO A 25 -17.07 -11.67 -17.41
N GLU A 26 -18.17 -12.36 -17.74
CA GLU A 26 -18.45 -13.66 -17.11
C GLU A 26 -17.45 -14.73 -17.50
N THR A 27 -17.05 -14.74 -18.76
CA THR A 27 -16.02 -15.64 -19.27
C THR A 27 -14.69 -15.41 -18.54
N VAL A 28 -14.37 -14.14 -18.31
CA VAL A 28 -13.14 -13.76 -17.60
C VAL A 28 -13.25 -14.24 -16.16
N ARG A 29 -14.36 -13.95 -15.51
CA ARG A 29 -14.52 -14.33 -14.11
C ARG A 29 -14.34 -15.84 -13.93
N ILE A 30 -15.02 -16.58 -14.79
CA ILE A 30 -15.01 -18.03 -14.74
C ILE A 30 -13.61 -18.57 -15.05
N ALA A 31 -12.99 -18.07 -16.12
CA ALA A 31 -11.64 -18.52 -16.52
C ALA A 31 -10.59 -18.28 -15.47
N LEU A 32 -10.66 -17.13 -14.80
CA LEU A 32 -9.69 -16.81 -13.77
C LEU A 32 -10.00 -17.39 -12.40
N GLY A 33 -11.21 -17.96 -12.21
CA GLY A 33 -11.57 -18.57 -10.93
C GLY A 33 -12.02 -17.55 -9.90
N LEU A 34 -12.49 -16.40 -10.36
CA LEU A 34 -12.85 -15.30 -9.44
C LEU A 34 -14.25 -15.55 -8.90
N GLU A 35 -14.47 -15.14 -7.67
CA GLU A 35 -15.75 -15.40 -6.99
C GLU A 35 -16.89 -14.54 -7.51
N GLU A 36 -18.13 -14.98 -7.29
CA GLU A 36 -19.29 -14.30 -7.86
C GLU A 36 -19.40 -12.82 -7.46
N ARG A 37 -19.02 -12.48 -6.23
CA ARG A 37 -19.10 -11.09 -5.78
C ARG A 37 -18.16 -10.12 -6.54
N THR A 38 -17.25 -10.62 -7.40
CA THR A 38 -16.42 -9.76 -8.25
C THR A 38 -17.15 -9.32 -9.53
N ALA A 39 -18.32 -9.89 -9.81
CA ALA A 39 -18.99 -9.65 -11.08
C ALA A 39 -19.27 -8.17 -11.35
N ALA A 40 -19.70 -7.44 -10.33
CA ALA A 40 -19.99 -6.00 -10.48
C ALA A 40 -18.76 -5.20 -10.92
N TRP A 41 -17.61 -5.50 -10.29
CA TRP A 41 -16.31 -4.92 -10.68
C TRP A 41 -15.96 -5.24 -12.13
N LEU A 42 -16.14 -6.51 -12.51
CA LEU A 42 -15.83 -6.90 -13.88
C LEU A 42 -16.78 -6.24 -14.89
N THR A 43 -18.05 -6.06 -14.52
CA THR A 43 -19.00 -5.31 -15.35
C THR A 43 -18.55 -3.85 -15.51
N GLU A 44 -18.10 -3.24 -14.41
CA GLU A 44 -17.60 -1.88 -14.44
C GLU A 44 -16.40 -1.74 -15.36
N LEU A 45 -15.46 -2.69 -15.27
CA LEU A 45 -14.28 -2.72 -16.16
C LEU A 45 -14.60 -2.97 -17.62
N ASP A 46 -15.58 -3.83 -17.86
CA ASP A 46 -16.08 -4.08 -19.21
C ASP A 46 -16.58 -2.76 -19.84
N GLU A 47 -17.40 -2.02 -19.09
CA GLU A 47 -17.94 -0.74 -19.59
C GLU A 47 -16.86 0.34 -19.77
N LEU A 48 -15.88 0.38 -18.88
CA LEU A 48 -14.72 1.26 -19.02
C LEU A 48 -13.89 0.94 -20.27
N GLY A 49 -13.66 -0.34 -20.52
CA GLY A 49 -12.97 -0.78 -21.73
C GLY A 49 -11.48 -0.57 -21.71
N PRO A 50 -10.79 -0.87 -22.82
CA PRO A 50 -9.34 -0.75 -22.87
C PRO A 50 -8.89 0.71 -22.82
N PRO A 51 -7.64 0.95 -22.41
CA PRO A 51 -7.11 2.31 -22.33
C PRO A 51 -6.88 2.90 -23.72
N ALA A 52 -6.92 4.23 -23.82
CA ALA A 52 -6.61 4.95 -25.07
C ALA A 52 -5.20 4.60 -25.55
N GLU A 53 -4.24 4.71 -24.64
CA GLU A 53 -2.88 4.23 -24.90
C GLU A 53 -2.85 2.74 -24.58
N PRO A 54 -2.62 1.87 -25.58
CA PRO A 54 -2.63 0.42 -25.26
C PRO A 54 -1.57 0.01 -24.22
N VAL A 55 -1.85 -1.05 -23.46
CA VAL A 55 -0.92 -1.50 -22.42
C VAL A 55 0.33 -2.10 -23.02
N ARG A 56 1.48 -1.63 -22.54
CA ARG A 56 2.76 -2.20 -22.88
C ARG A 56 3.41 -2.68 -21.59
N LEU A 57 3.68 -3.98 -21.49
CA LEU A 57 4.53 -4.48 -20.43
C LEU A 57 5.96 -4.41 -20.90
N PRO A 58 6.85 -3.88 -20.05
CA PRO A 58 8.25 -4.09 -20.36
C PRO A 58 8.56 -5.57 -20.17
N ARG A 59 9.50 -6.04 -20.95
CA ARG A 59 9.85 -7.44 -20.95
C ARG A 59 11.36 -7.51 -21.00
N GLY A 60 11.89 -8.68 -20.71
CA GLY A 60 13.34 -8.90 -20.78
C GLY A 60 14.12 -7.94 -19.90
N GLU A 61 15.23 -7.43 -20.43
CA GLU A 61 16.14 -6.60 -19.64
C GLU A 61 15.60 -5.22 -19.30
N GLU A 62 14.68 -4.71 -20.13
CA GLU A 62 13.98 -3.47 -19.81
C GLU A 62 13.18 -3.66 -18.53
N ALA A 63 12.47 -4.78 -18.45
CA ALA A 63 11.72 -5.13 -17.25
C ALA A 63 12.64 -5.35 -16.05
N ARG A 64 13.79 -6.01 -16.27
CA ARG A 64 14.75 -6.19 -15.18
C ARG A 64 15.28 -4.87 -14.63
N ASP A 65 15.59 -3.93 -15.52
CA ASP A 65 16.07 -2.62 -15.13
C ASP A 65 15.00 -1.84 -14.32
N LEU A 66 13.75 -1.89 -14.79
CA LEU A 66 12.64 -1.21 -14.07
C LEU A 66 12.38 -1.85 -12.69
N LEU A 67 12.33 -3.18 -12.65
CA LEU A 67 12.16 -3.90 -11.40
C LEU A 67 13.25 -3.62 -10.37
N ARG A 68 14.50 -3.51 -10.83
CA ARG A 68 15.62 -3.13 -9.97
C ARG A 68 15.49 -1.70 -9.46
N ARG A 69 15.11 -0.77 -10.32
CA ARG A 69 14.82 0.62 -9.90
C ARG A 69 13.69 0.71 -8.86
N LEU A 70 12.73 -0.20 -8.95
CA LEU A 70 11.66 -0.31 -7.95
C LEU A 70 12.01 -1.17 -6.73
N GLU A 71 13.28 -1.56 -6.58
CA GLU A 71 13.79 -2.30 -5.41
C GLU A 71 13.14 -3.69 -5.21
N VAL A 72 12.70 -4.29 -6.31
CA VAL A 72 12.11 -5.63 -6.28
C VAL A 72 13.28 -6.60 -6.10
N PRO A 73 13.22 -7.50 -5.10
CA PRO A 73 14.36 -8.41 -4.91
C PRO A 73 14.65 -9.27 -6.14
N GLU A 74 15.93 -9.58 -6.35
CA GLU A 74 16.37 -10.22 -7.59
C GLU A 74 15.64 -11.54 -7.90
N LEU A 75 15.37 -12.34 -6.88
CA LEU A 75 14.64 -13.60 -7.05
C LEU A 75 13.26 -13.39 -7.67
N ASP A 76 12.52 -12.47 -7.07
CA ASP A 76 11.17 -12.18 -7.53
C ASP A 76 11.19 -11.57 -8.91
N ALA A 77 12.16 -10.69 -9.17
CA ALA A 77 12.27 -9.97 -10.42
C ALA A 77 12.45 -10.95 -11.59
N GLU A 78 13.35 -11.89 -11.42
CA GLU A 78 13.58 -12.96 -12.41
C GLU A 78 12.27 -13.72 -12.67
N GLU A 79 11.55 -14.06 -11.61
CA GLU A 79 10.28 -14.76 -11.74
C GLU A 79 9.18 -13.96 -12.44
N ILE A 80 9.10 -12.66 -12.13
CA ILE A 80 8.15 -11.76 -12.78
C ILE A 80 8.41 -11.62 -14.28
N VAL A 81 9.67 -11.47 -14.66
CA VAL A 81 10.01 -11.31 -16.09
C VAL A 81 9.69 -12.62 -16.82
N ALA A 82 10.01 -13.75 -16.20
CA ALA A 82 9.83 -15.06 -16.86
C ALA A 82 8.37 -15.35 -17.16
N ALA A 83 7.48 -14.98 -16.24
CA ALA A 83 6.05 -15.29 -16.32
C ALA A 83 5.17 -14.21 -16.96
N ALA A 84 5.77 -13.13 -17.45
CA ALA A 84 5.03 -12.01 -18.03
C ALA A 84 4.02 -12.52 -19.02
N PRO A 85 2.76 -12.15 -18.85
CA PRO A 85 1.73 -12.75 -19.68
C PRO A 85 1.70 -12.20 -21.11
N ASP A 86 0.90 -12.88 -21.92
CA ASP A 86 0.83 -12.66 -23.34
C ASP A 86 -0.63 -12.50 -23.72
N PRO A 87 -0.96 -11.53 -24.60
CA PRO A 87 -2.35 -11.30 -25.00
C PRO A 87 -3.03 -12.52 -25.61
N ASP A 88 -2.28 -13.29 -26.39
CA ASP A 88 -2.87 -14.46 -27.08
C ASP A 88 -3.01 -15.67 -26.18
N ARG A 89 -1.96 -15.98 -25.44
CA ARG A 89 -1.97 -17.13 -24.55
C ARG A 89 -2.69 -16.90 -23.24
N ASP A 90 -2.84 -15.65 -22.82
CA ASP A 90 -3.48 -15.32 -21.54
C ASP A 90 -4.59 -14.31 -21.75
N PRO A 91 -5.57 -14.60 -22.64
CA PRO A 91 -6.51 -13.55 -23.02
C PRO A 91 -7.39 -13.03 -21.88
N ALA A 92 -7.80 -13.89 -20.95
CA ALA A 92 -8.65 -13.46 -19.81
C ALA A 92 -7.87 -12.53 -18.90
N LEU A 93 -6.67 -12.97 -18.55
CA LEU A 93 -5.77 -12.19 -17.70
C LEU A 93 -5.38 -10.88 -18.39
N TRP A 94 -5.08 -10.94 -19.70
CA TRP A 94 -4.79 -9.74 -20.46
C TRP A 94 -5.95 -8.73 -20.50
N TRP A 95 -7.15 -9.22 -20.75
CA TRP A 95 -8.36 -8.39 -20.69
C TRP A 95 -8.43 -7.62 -19.34
N LEU A 96 -8.18 -8.35 -18.27
CA LEU A 96 -8.22 -7.76 -16.92
C LEU A 96 -7.08 -6.77 -16.69
N LEU A 97 -5.88 -7.10 -17.16
CA LEU A 97 -4.73 -6.22 -17.04
C LEU A 97 -4.97 -4.87 -17.69
N GLU A 98 -5.50 -4.90 -18.91
CA GLU A 98 -5.77 -3.66 -19.66
C GLU A 98 -6.75 -2.76 -18.94
N ARG A 99 -7.87 -3.34 -18.54
CA ARG A 99 -8.95 -2.60 -17.92
C ARG A 99 -8.61 -2.18 -16.49
N THR A 100 -7.87 -3.01 -15.76
CA THR A 100 -7.44 -2.64 -14.41
C THR A 100 -6.48 -1.45 -14.49
N HIS A 101 -5.52 -1.50 -15.40
CA HIS A 101 -4.66 -0.34 -15.69
C HIS A 101 -5.51 0.89 -15.99
N HIS A 102 -6.51 0.74 -16.85
CA HIS A 102 -7.34 1.86 -17.23
C HIS A 102 -8.10 2.41 -16.02
N ALA A 103 -8.58 1.52 -15.13
CA ALA A 103 -9.37 1.93 -13.98
C ALA A 103 -8.53 2.75 -13.02
N ILE A 104 -7.22 2.52 -13.00
CA ILE A 104 -6.30 3.31 -12.17
C ILE A 104 -6.02 4.65 -12.81
N VAL A 105 -5.56 4.65 -14.06
CA VAL A 105 -5.21 5.89 -14.75
C VAL A 105 -6.36 6.88 -14.96
N ARG A 106 -7.59 6.38 -15.09
CA ARG A 106 -8.76 7.28 -15.18
C ARG A 106 -8.89 8.16 -13.91
N HIS A 107 -8.31 7.70 -12.79
CA HIS A 107 -8.33 8.44 -11.54
C HIS A 107 -6.96 9.01 -11.17
N MET A 108 -6.10 9.22 -12.16
CA MET A 108 -4.82 9.88 -11.91
C MET A 108 -5.04 11.24 -11.24
N GLY A 109 -4.34 11.44 -10.14
CA GLY A 109 -4.46 12.67 -9.34
C GLY A 109 -5.72 12.79 -8.52
N ASP A 110 -6.59 11.80 -8.56
CA ASP A 110 -7.92 11.89 -7.91
C ASP A 110 -7.90 11.17 -6.56
N HIS A 111 -7.75 11.93 -5.50
CA HIS A 111 -7.67 11.36 -4.16
C HIS A 111 -9.03 11.05 -3.54
N ARG A 112 -10.12 11.51 -4.16
CA ARG A 112 -11.45 11.18 -3.66
C ARG A 112 -11.96 9.82 -4.13
N ALA A 113 -11.39 9.27 -5.20
CA ALA A 113 -11.75 7.94 -5.67
C ALA A 113 -11.29 6.88 -4.68
N LYS A 114 -12.09 5.83 -4.53
CA LYS A 114 -11.73 4.76 -3.59
C LYS A 114 -10.58 3.97 -4.16
N PRO A 115 -9.78 3.33 -3.30
CA PRO A 115 -8.57 2.62 -3.73
C PRO A 115 -8.89 1.22 -4.26
N ARG A 116 -9.59 1.17 -5.38
CA ARG A 116 -10.05 -0.11 -5.90
C ARG A 116 -9.04 -0.59 -6.93
N GLY A 117 -8.21 -1.55 -6.52
CA GLY A 117 -7.14 -2.08 -7.37
C GLY A 117 -7.57 -3.37 -8.04
N GLY A 118 -8.74 -3.88 -7.67
CA GLY A 118 -9.23 -5.14 -8.17
C GLY A 118 -8.87 -6.27 -7.24
N PRO A 119 -9.49 -7.45 -7.47
CA PRO A 119 -9.28 -8.57 -6.60
C PRO A 119 -7.95 -9.27 -6.85
N PRO A 120 -7.47 -10.03 -5.88
CA PRO A 120 -6.31 -10.91 -6.12
C PRO A 120 -6.76 -12.08 -7.00
N LEU A 121 -5.88 -12.56 -7.86
CA LEU A 121 -6.20 -13.71 -8.69
C LEU A 121 -5.82 -15.01 -8.00
N PRO A 122 -6.66 -16.05 -8.11
CA PRO A 122 -6.35 -17.34 -7.54
C PRO A 122 -5.03 -17.89 -8.06
N TYR A 123 -4.24 -18.47 -7.16
CA TYR A 123 -2.86 -18.83 -7.49
C TYR A 123 -2.80 -20.12 -8.31
N GLU A 124 -3.96 -20.73 -8.58
CA GLU A 124 -4.08 -21.82 -9.57
C GLU A 124 -3.74 -21.35 -10.98
N GLY A 125 -3.74 -20.03 -11.20
CA GLY A 125 -3.24 -19.43 -12.42
C GLY A 125 -1.74 -19.23 -12.52
N GLY A 126 -0.99 -19.73 -11.57
CA GLY A 126 0.45 -19.70 -11.62
C GLY A 126 1.05 -18.33 -11.35
N ALA A 127 2.28 -18.16 -11.81
CA ALA A 127 3.06 -16.95 -11.56
C ALA A 127 2.41 -15.72 -12.19
N ALA A 128 1.80 -15.86 -13.37
CA ALA A 128 1.12 -14.71 -13.97
C ALA A 128 -0.01 -14.17 -13.10
N ALA A 129 -0.76 -15.09 -12.49
CA ALA A 129 -1.83 -14.73 -11.55
C ALA A 129 -1.23 -14.17 -10.27
N ARG A 130 -0.21 -14.84 -9.74
CA ARG A 130 0.43 -14.38 -8.49
C ARG A 130 1.00 -12.96 -8.61
N TYR A 131 1.61 -12.66 -9.76
CA TYR A 131 2.24 -11.36 -9.96
C TYR A 131 1.35 -10.40 -10.77
N PHE A 132 0.06 -10.69 -10.90
CA PHE A 132 -0.85 -9.91 -11.72
C PHE A 132 -0.73 -8.41 -11.43
N HIS A 133 -0.79 -8.07 -10.15
CA HIS A 133 -0.75 -6.65 -9.78
C HIS A 133 0.61 -6.00 -9.89
N VAL A 134 1.68 -6.80 -9.95
CA VAL A 134 2.97 -6.28 -10.34
C VAL A 134 2.94 -5.87 -11.81
N TYR A 135 2.30 -6.68 -12.68
CA TYR A 135 2.21 -6.29 -14.07
C TYR A 135 1.37 -5.00 -14.22
N VAL A 136 0.32 -4.88 -13.43
CA VAL A 136 -0.50 -3.66 -13.43
C VAL A 136 0.40 -2.47 -13.10
N PHE A 137 1.20 -2.63 -12.05
CA PHE A 137 2.11 -1.61 -11.57
C PHE A 137 3.11 -1.20 -12.66
N LEU A 138 3.77 -2.21 -13.25
CA LEU A 138 4.75 -1.94 -14.31
C LEU A 138 4.12 -1.22 -15.51
N ALA A 139 2.91 -1.63 -15.89
CA ALA A 139 2.22 -1.01 -17.03
C ALA A 139 1.81 0.41 -16.77
N THR A 140 1.66 0.76 -15.49
CA THR A 140 1.18 2.09 -15.09
C THR A 140 2.32 3.06 -14.69
N VAL A 141 3.55 2.57 -14.60
CA VAL A 141 4.72 3.42 -14.27
C VAL A 141 4.86 4.61 -15.23
N PRO A 142 4.80 4.38 -16.55
CA PRO A 142 4.92 5.53 -17.44
C PRO A 142 3.89 6.63 -17.17
N ALA A 143 2.64 6.25 -16.96
CA ALA A 143 1.59 7.22 -16.69
C ALA A 143 1.83 8.03 -15.43
N VAL A 144 2.17 7.35 -14.36
CA VAL A 144 2.36 8.07 -13.09
C VAL A 144 3.62 8.93 -13.12
N ARG A 145 4.67 8.46 -13.81
CA ARG A 145 5.86 9.27 -13.97
C ARG A 145 5.58 10.54 -14.80
N ARG A 146 4.71 10.44 -15.80
CA ARG A 146 4.25 11.61 -16.54
C ARG A 146 3.51 12.59 -15.62
N PHE A 147 2.65 12.06 -14.75
CA PHE A 147 1.96 12.89 -13.80
C PHE A 147 2.95 13.58 -12.86
N HIS A 148 3.93 12.82 -12.37
CA HIS A 148 4.95 13.39 -11.49
C HIS A 148 5.63 14.57 -12.20
N ALA A 149 5.96 14.36 -13.46
CA ALA A 149 6.63 15.39 -14.25
C ALA A 149 5.74 16.64 -14.40
N GLU A 150 4.47 16.44 -14.72
CA GLU A 150 3.53 17.56 -14.86
C GLU A 150 3.43 18.36 -13.58
N ARG A 151 3.53 17.67 -12.45
CA ARG A 151 3.42 18.33 -11.14
C ARG A 151 4.73 18.90 -10.60
N GLY A 152 5.82 18.76 -11.33
CA GLY A 152 7.11 19.24 -10.86
C GLY A 152 7.73 18.45 -9.75
N ILE A 153 7.28 17.20 -9.57
CA ILE A 153 7.79 16.34 -8.50
C ILE A 153 9.24 16.01 -8.86
N PRO A 154 10.19 16.20 -7.91
CA PRO A 154 11.56 15.77 -8.22
C PRO A 154 11.64 14.29 -8.55
N ASP A 155 12.51 13.94 -9.51
CA ASP A 155 12.64 12.54 -9.93
C ASP A 155 12.98 11.63 -8.77
N GLU A 156 13.85 12.06 -7.84
CA GLU A 156 14.25 11.18 -6.75
C GLU A 156 13.08 10.89 -5.81
N VAL A 157 12.17 11.86 -5.67
CA VAL A 157 10.98 11.67 -4.85
C VAL A 157 9.99 10.72 -5.52
N GLY A 158 9.76 10.91 -6.81
CA GLY A 158 8.87 10.03 -7.57
C GLY A 158 9.34 8.60 -7.51
N TRP A 159 10.63 8.37 -7.82
CA TRP A 159 11.17 7.01 -7.74
C TRP A 159 11.13 6.41 -6.35
N GLU A 160 11.55 7.18 -5.34
CA GLU A 160 11.57 6.67 -3.99
CA GLU A 160 11.57 6.69 -3.96
C GLU A 160 10.16 6.24 -3.56
N THR A 161 9.15 7.01 -3.95
CA THR A 161 7.76 6.63 -3.68
C THR A 161 7.40 5.25 -4.28
N LEU A 162 7.77 5.05 -5.54
CA LEU A 162 7.38 3.83 -6.24
C LEU A 162 8.15 2.58 -5.79
N THR A 163 9.30 2.78 -5.12
CA THR A 163 10.06 1.68 -4.55
C THR A 163 9.34 0.87 -3.49
N GLN A 164 8.21 1.35 -2.96
CA GLN A 164 7.46 0.48 -2.06
C GLN A 164 6.94 -0.80 -2.78
N LEU A 165 6.89 -0.81 -4.11
CA LEU A 165 6.60 -2.08 -4.79
C LEU A 165 7.52 -3.20 -4.33
N GLY A 166 8.81 -2.95 -4.35
CA GLY A 166 9.79 -3.91 -3.88
C GLY A 166 9.57 -4.41 -2.47
N GLU A 167 9.31 -3.48 -1.56
CA GLU A 167 8.86 -3.84 -0.20
C GLU A 167 7.67 -4.75 -0.15
N LEU A 168 6.64 -4.44 -0.92
CA LEU A 168 5.41 -5.19 -0.88
C LEU A 168 5.59 -6.57 -1.50
N VAL A 169 6.43 -6.64 -2.53
CA VAL A 169 6.78 -7.95 -3.12
C VAL A 169 7.51 -8.82 -2.08
N ALA A 170 8.53 -8.24 -1.43
CA ALA A 170 9.28 -8.93 -0.38
C ALA A 170 8.37 -9.41 0.75
N ILE A 171 7.43 -8.57 1.18
CA ILE A 171 6.49 -8.95 2.21
C ILE A 171 5.65 -10.18 1.84
N HIS A 172 5.11 -10.20 0.62
CA HIS A 172 4.29 -11.33 0.19
C HIS A 172 5.05 -12.65 0.37
N ARG A 173 6.31 -12.68 -0.06
CA ARG A 173 7.14 -13.90 0.04
C ARG A 173 7.40 -14.28 1.50
N ARG A 174 7.70 -13.27 2.34
CA ARG A 174 7.88 -13.51 3.78
CA ARG A 174 7.89 -13.53 3.77
C ARG A 174 6.61 -14.10 4.39
N LYS A 175 5.47 -13.56 3.99
CA LYS A 175 4.19 -13.88 4.57
C LYS A 175 3.65 -15.23 4.12
N TYR A 176 3.81 -15.53 2.83
CA TYR A 176 3.13 -16.69 2.24
C TYR A 176 4.07 -17.78 1.72
N GLY A 177 5.34 -17.47 1.58
CA GLY A 177 6.33 -18.44 1.16
C GLY A 177 6.63 -18.51 -0.33
N GLN A 178 5.80 -17.89 -1.17
CA GLN A 178 6.10 -17.78 -2.61
C GLN A 178 5.95 -16.34 -3.09
N GLY A 179 6.33 -16.10 -4.33
CA GLY A 179 6.25 -14.79 -4.92
C GLY A 179 4.86 -14.27 -5.18
N GLY A 180 4.70 -12.94 -5.03
CA GLY A 180 3.42 -12.33 -5.26
C GLY A 180 3.43 -10.88 -4.76
N MET A 181 2.25 -10.29 -4.84
CA MET A 181 2.03 -8.90 -4.36
C MET A 181 0.51 -8.69 -4.28
N ASN A 182 -0.03 -8.79 -3.07
CA ASN A 182 -1.47 -8.73 -2.84
C ASN A 182 -1.94 -7.47 -2.10
N MET A 183 -1.11 -6.42 -2.18
N MET A 183 -1.13 -6.41 -2.17
CA MET A 183 -1.42 -5.10 -1.60
CA MET A 183 -1.53 -5.12 -1.59
C MET A 183 -1.74 -4.09 -2.70
C MET A 183 -1.75 -4.09 -2.69
N GLN A 184 -2.49 -4.54 -3.71
CA GLN A 184 -2.84 -3.71 -4.86
C GLN A 184 -3.80 -2.55 -4.52
N ALA A 185 -4.62 -2.69 -3.47
CA ALA A 185 -5.48 -1.57 -3.04
C ALA A 185 -4.54 -0.42 -2.62
N TRP A 186 -3.50 -0.75 -1.87
CA TRP A 186 -2.55 0.24 -1.37
C TRP A 186 -1.73 0.88 -2.52
N THR A 187 -1.31 0.06 -3.49
CA THR A 187 -0.53 0.62 -4.59
C THR A 187 -1.32 1.53 -5.52
N THR A 188 -2.65 1.52 -5.48
CA THR A 188 -3.41 2.51 -6.25
C THR A 188 -3.08 3.94 -5.82
N TYR A 189 -2.66 4.14 -4.58
CA TYR A 189 -2.25 5.47 -4.09
C TYR A 189 -1.00 5.95 -4.80
N HIS A 190 -0.01 5.07 -4.85
CA HIS A 190 1.25 5.40 -5.49
C HIS A 190 0.98 5.65 -6.97
N LEU A 191 0.23 4.74 -7.59
CA LEU A 191 0.03 4.79 -9.04
C LEU A 191 -0.85 5.92 -9.54
N ARG A 192 -1.71 6.45 -8.65
CA ARG A 192 -2.51 7.65 -8.98
C ARG A 192 -1.81 8.97 -8.67
N GLY A 193 -0.58 8.94 -8.17
CA GLY A 193 0.16 10.14 -7.93
C GLY A 193 -0.38 10.90 -6.75
N ILE A 194 -1.04 10.21 -5.83
CA ILE A 194 -1.63 10.85 -4.66
C ILE A 194 -0.90 10.61 -3.35
N LEU A 195 0.15 9.78 -3.38
CA LEU A 195 0.96 9.45 -2.23
C LEU A 195 2.41 9.68 -2.61
N TYR A 196 3.16 10.26 -1.68
CA TYR A 196 4.59 10.55 -1.86
C TYR A 196 5.32 10.16 -0.61
N ARG A 197 6.48 9.52 -0.79
CA ARG A 197 7.36 9.25 0.32
C ARG A 197 8.29 10.42 0.44
N LEU A 198 8.27 11.08 1.61
CA LEU A 198 9.07 12.27 1.86
C LEU A 198 10.03 11.97 3.02
N GLY A 199 11.07 11.20 2.69
CA GLY A 199 11.96 10.70 3.74
C GLY A 199 11.39 9.45 4.36
N ARG A 200 11.36 9.38 5.69
CA ARG A 200 10.96 8.20 6.38
C ARG A 200 9.47 7.93 6.30
N LEU A 201 8.66 8.99 6.18
CA LEU A 201 7.22 8.84 6.14
C LEU A 201 6.66 9.04 4.75
N GLN A 202 5.44 8.53 4.54
CA GLN A 202 4.67 8.80 3.33
C GLN A 202 3.51 9.70 3.67
N PHE A 203 3.10 10.50 2.70
CA PHE A 203 1.92 11.38 2.87
C PHE A 203 1.03 11.24 1.65
N SER A 204 -0.27 11.18 1.88
CA SER A 204 -1.24 11.11 0.79
C SER A 204 -2.18 12.33 0.84
N LEU A 205 -2.55 12.79 -0.33
CA LEU A 205 -3.66 13.74 -0.44
C LEU A 205 -4.92 13.07 0.04
N ALA A 206 -5.65 13.73 0.95
CA ALA A 206 -6.84 13.16 1.55
C ALA A 206 -7.79 14.26 1.92
N THR A 207 -9.06 13.89 2.09
CA THR A 207 -10.10 14.83 2.54
C THR A 207 -10.91 14.17 3.64
N GLY A 208 -11.36 14.97 4.61
CA GLY A 208 -12.24 14.46 5.63
C GLY A 208 -13.66 14.31 5.07
N LYS A 209 -14.55 13.82 5.90
CA LYS A 209 -15.97 13.71 5.54
C LYS A 209 -16.61 15.04 5.17
N ASP A 210 -16.14 16.13 5.80
CA ASP A 210 -16.62 17.48 5.45
C ASP A 210 -15.83 18.17 4.35
N GLY A 211 -15.02 17.41 3.62
CA GLY A 211 -14.20 17.89 2.53
C GLY A 211 -12.92 18.61 2.89
N THR A 212 -12.63 18.75 4.18
CA THR A 212 -11.46 19.50 4.59
C THR A 212 -10.21 18.71 4.19
N PRO A 213 -9.24 19.39 3.57
CA PRO A 213 -8.01 18.67 3.14
C PRO A 213 -7.15 18.28 4.32
N HIS A 214 -6.60 17.08 4.27
CA HIS A 214 -5.55 16.72 5.20
C HIS A 214 -4.53 15.89 4.44
N LEU A 215 -3.44 15.54 5.10
CA LEU A 215 -2.50 14.56 4.56
C LEU A 215 -2.60 13.28 5.37
N GLY A 216 -2.81 12.15 4.72
CA GLY A 216 -2.80 10.87 5.39
C GLY A 216 -1.36 10.45 5.56
N LEU A 217 -0.99 10.03 6.76
CA LEU A 217 0.40 9.72 7.05
C LEU A 217 0.53 8.23 7.10
N ALA A 218 1.60 7.67 6.52
CA ALA A 218 1.84 6.25 6.65
C ALA A 218 3.32 6.00 6.81
N VAL A 219 3.62 4.81 7.31
CA VAL A 219 4.97 4.42 7.62
C VAL A 219 5.35 3.14 6.85
N PRO A 220 6.17 3.28 5.80
CA PRO A 220 6.63 2.06 5.12
C PRO A 220 7.56 1.24 6.00
N GLU A 221 7.61 -0.06 5.76
CA GLU A 221 8.46 -0.94 6.55
C GLU A 221 9.95 -0.63 6.32
N TRP A 222 10.35 -0.53 5.06
CA TRP A 222 11.76 -0.27 4.76
C TRP A 222 12.16 1.14 5.11
N GLY A 223 13.39 1.26 5.58
CA GLY A 223 13.99 2.51 5.96
C GLY A 223 14.47 2.61 7.39
N GLY A 224 14.36 1.52 8.13
CA GLY A 224 14.94 1.45 9.47
C GLY A 224 13.95 1.91 10.51
N PRO A 225 14.39 1.99 11.77
CA PRO A 225 13.51 2.40 12.87
C PRO A 225 12.94 3.80 12.68
N LEU A 226 11.82 4.07 13.34
CA LEU A 226 11.18 5.38 13.21
C LEU A 226 11.87 6.34 14.20
N LEU A 227 13.11 6.71 13.89
CA LEU A 227 13.88 7.56 14.78
C LEU A 227 13.19 8.93 14.86
N PRO A 228 13.08 9.52 16.06
CA PRO A 228 12.43 10.82 16.19
C PRO A 228 12.95 11.88 15.22
N LYS A 229 14.27 11.94 14.97
CA LYS A 229 14.79 12.92 14.02
C LYS A 229 14.31 12.65 12.58
N ALA A 230 14.15 11.40 12.21
CA ALA A 230 13.68 11.04 10.86
C ALA A 230 12.18 11.37 10.72
N TYR A 231 11.42 11.00 11.75
CA TYR A 231 10.00 11.39 11.81
C TYR A 231 9.82 12.91 11.68
N ASP A 232 10.52 13.68 12.50
CA ASP A 232 10.41 15.14 12.56
C ASP A 232 10.80 15.77 11.24
N GLU A 233 11.87 15.26 10.60
CA GLU A 233 12.28 15.78 9.30
CA GLU A 233 12.27 15.77 9.29
C GLU A 233 11.18 15.57 8.27
N SER A 234 10.61 14.38 8.21
CA SER A 234 9.54 14.13 7.27
C SER A 234 8.37 15.04 7.49
N LEU A 235 7.99 15.25 8.75
CA LEU A 235 6.90 16.20 9.01
C LEU A 235 7.18 17.59 8.52
N HIS A 236 8.44 18.03 8.63
CA HIS A 236 8.81 19.34 8.14
C HIS A 236 8.78 19.48 6.64
N ARG A 237 8.83 18.36 5.91
CA ARG A 237 8.78 18.41 4.46
CA ARG A 237 8.80 18.34 4.45
C ARG A 237 7.39 18.47 3.89
N ALA A 238 6.39 18.15 4.71
CA ALA A 238 5.05 17.94 4.17
C ALA A 238 4.40 19.18 3.57
N ARG A 239 4.25 20.25 4.36
CA ARG A 239 3.60 21.45 3.82
C ARG A 239 4.34 22.07 2.67
N PRO A 240 5.67 22.21 2.76
CA PRO A 240 6.39 22.73 1.63
C PRO A 240 6.20 21.95 0.34
N PHE A 241 6.21 20.63 0.44
CA PHE A 241 6.08 19.78 -0.73
C PHE A 241 4.70 19.93 -1.36
N PHE A 242 3.65 19.76 -0.56
CA PHE A 242 2.30 19.79 -1.11
C PHE A 242 1.88 21.22 -1.50
N ASP A 243 2.29 22.22 -0.74
CA ASP A 243 1.99 23.60 -1.12
C ASP A 243 2.66 24.02 -2.43
N ARG A 244 3.83 23.46 -2.72
CA ARG A 244 4.45 23.70 -4.00
C ARG A 244 3.85 22.95 -5.15
N HIS A 245 3.62 21.65 -5.01
CA HIS A 245 3.21 20.83 -6.15
C HIS A 245 1.70 20.62 -6.27
N PHE A 246 1.00 20.77 -5.14
CA PHE A 246 -0.47 20.61 -5.07
C PHE A 246 -1.02 21.81 -4.30
N PRO A 247 -0.76 23.04 -4.80
CA PRO A 247 -1.21 24.23 -4.04
C PRO A 247 -2.71 24.29 -3.79
N GLU A 248 -3.48 23.65 -4.65
CA GLU A 248 -4.94 23.58 -4.50
C GLU A 248 -5.39 22.84 -3.23
N HIS A 249 -4.52 22.04 -2.63
CA HIS A 249 -4.93 21.23 -1.47
C HIS A 249 -4.92 22.01 -0.14
N GLY A 250 -3.75 22.43 0.31
CA GLY A 250 -3.60 23.32 1.47
C GLY A 250 -3.92 22.68 2.81
N ALA A 251 -3.59 21.40 2.98
CA ALA A 251 -3.76 20.73 4.26
C ALA A 251 -2.92 21.43 5.33
N ARG A 252 -3.43 21.45 6.55
CA ARG A 252 -2.66 21.92 7.70
C ARG A 252 -2.40 20.87 8.75
N VAL A 253 -3.00 19.70 8.59
CA VAL A 253 -2.87 18.61 9.55
C VAL A 253 -2.65 17.29 8.83
N ALA A 254 -1.96 16.40 9.52
CA ALA A 254 -1.81 15.04 9.09
C ALA A 254 -2.67 14.16 9.96
N TRP A 255 -3.31 13.18 9.33
CA TRP A 255 -4.16 12.20 10.01
CA TRP A 255 -4.10 12.22 10.06
C TRP A 255 -3.52 10.85 9.92
N GLY A 256 -3.80 10.01 10.91
CA GLY A 256 -3.34 8.66 10.89
C GLY A 256 -4.32 7.74 11.58
N SER A 257 -4.43 6.53 11.06
CA SER A 257 -5.19 5.46 11.72
CA SER A 257 -5.17 5.48 11.72
C SER A 257 -4.23 4.28 11.77
N SER A 258 -3.91 3.80 12.97
CA SER A 258 -2.88 2.78 13.07
C SER A 258 -2.94 1.99 14.35
N TRP A 259 -2.46 0.75 14.26
CA TRP A 259 -2.09 -0.02 15.47
C TRP A 259 -1.14 0.73 16.41
N MET A 260 -0.24 1.52 15.81
CA MET A 260 0.78 2.27 16.53
C MET A 260 0.26 3.34 17.48
N LEU A 261 -0.97 3.78 17.25
CA LEU A 261 -1.56 4.86 18.02
C LEU A 261 -2.36 4.32 19.20
N ASP A 262 -2.37 2.99 19.38
CA ASP A 262 -3.07 2.37 20.50
C ASP A 262 -2.33 2.70 21.81
N PRO A 263 -2.97 3.47 22.71
CA PRO A 263 -2.30 3.74 24.00
C PRO A 263 -2.00 2.51 24.87
N GLN A 264 -2.67 1.40 24.60
CA GLN A 264 -2.37 0.14 25.30
C GLN A 264 -0.95 -0.31 25.16
N LEU A 265 -0.25 0.13 24.08
CA LEU A 265 1.17 -0.18 23.95
C LEU A 265 2.05 0.30 25.10
N GLU A 266 1.64 1.37 25.77
CA GLU A 266 2.40 1.97 26.88
C GLU A 266 2.57 1.00 28.06
N GLU A 267 1.68 0.03 28.21
CA GLU A 267 1.85 -1.04 29.22
C GLU A 267 3.06 -1.94 28.97
N TYR A 268 3.52 -2.01 27.72
CA TYR A 268 4.49 -3.01 27.32
C TYR A 268 5.79 -2.47 26.77
N LEU A 269 5.76 -1.30 26.14
CA LEU A 269 6.95 -0.72 25.54
C LEU A 269 7.53 0.28 26.51
N THR A 270 8.84 0.36 26.56
CA THR A 270 9.50 1.28 27.46
C THR A 270 9.52 2.69 26.88
N GLU A 271 10.05 3.62 27.66
CA GLU A 271 10.22 5.00 27.20
C GLU A 271 11.18 5.21 26.04
N ASP A 272 12.12 4.30 25.83
CA ASP A 272 13.02 4.42 24.69
C ASP A 272 12.34 3.99 23.36
N SER A 273 11.15 3.37 23.42
CA SER A 273 10.37 3.03 22.23
C SER A 273 10.11 4.26 21.33
N ASN A 274 10.48 4.16 20.06
CA ASN A 274 10.19 5.23 19.10
C ASN A 274 8.69 5.47 18.95
N ILE A 275 7.92 4.40 18.96
CA ILE A 275 6.46 4.46 18.82
C ILE A 275 5.88 5.21 20.01
N ILE A 276 6.31 4.83 21.21
CA ILE A 276 5.81 5.55 22.42
C ILE A 276 6.17 7.04 22.38
N GLN A 277 7.41 7.37 22.00
CA GLN A 277 7.85 8.76 22.01
C GLN A 277 7.05 9.58 21.01
N LEU A 278 6.85 9.03 19.81
CA LEU A 278 6.19 9.78 18.74
C LEU A 278 4.70 9.89 18.93
N ALA A 279 4.08 8.83 19.43
CA ALA A 279 2.62 8.81 19.65
C ALA A 279 2.18 9.89 20.64
N ARG A 280 3.07 10.30 21.53
CA ARG A 280 2.78 11.32 22.54
C ARG A 280 2.42 12.69 21.96
N PHE A 281 2.84 12.93 20.71
CA PHE A 281 2.52 14.16 20.02
C PHE A 281 1.11 14.16 19.39
N TRP A 282 0.49 12.99 19.27
CA TRP A 282 -0.74 12.81 18.53
C TRP A 282 -1.95 13.10 19.41
N THR A 283 -3.01 13.61 18.79
CA THR A 283 -4.27 13.87 19.47
C THR A 283 -5.24 12.87 18.90
N LEU A 284 -5.68 11.92 19.72
CA LEU A 284 -6.61 10.89 19.27
C LEU A 284 -8.03 11.44 19.20
N THR A 285 -8.71 11.14 18.09
CA THR A 285 -10.03 11.72 17.80
C THR A 285 -11.19 10.73 17.82
N ASP A 286 -10.91 9.44 17.90
CA ASP A 286 -11.94 8.42 17.98
C ASP A 286 -12.22 8.08 19.46
N SER A 287 -13.38 7.51 19.72
CA SER A 287 -13.74 7.12 21.09
C SER A 287 -12.88 5.98 21.56
N ALA A 288 -12.64 5.94 22.86
CA ALA A 288 -12.00 4.79 23.47
C ALA A 288 -12.81 3.58 23.05
N PRO A 289 -12.15 2.58 22.40
CA PRO A 289 -12.90 1.43 21.86
C PRO A 289 -13.43 0.49 22.94
N GLU A 290 -14.42 -0.33 22.57
CA GLU A 290 -14.93 -1.33 23.50
C GLU A 290 -13.86 -2.38 23.77
N PRO A 291 -13.66 -2.76 25.04
CA PRO A 291 -12.62 -3.74 25.36
C PRO A 291 -12.77 -5.07 24.62
N GLY A 292 -14.02 -5.49 24.36
CA GLY A 292 -14.31 -6.74 23.65
C GLY A 292 -14.16 -6.72 22.13
N ASN A 293 -14.10 -5.52 21.56
CA ASN A 293 -13.94 -5.34 20.10
C ASN A 293 -12.61 -5.93 19.62
N ALA A 294 -12.66 -7.00 18.82
CA ALA A 294 -11.45 -7.68 18.36
C ALA A 294 -11.02 -7.26 16.93
N ASP A 295 -11.72 -6.31 16.33
CA ASP A 295 -11.41 -5.80 14.97
C ASP A 295 -9.99 -5.26 14.72
N GLY A 296 -9.27 -4.81 15.75
CA GLY A 296 -7.89 -4.29 15.58
C GLY A 296 -6.78 -5.31 15.72
N ASP A 297 -7.12 -6.51 16.20
CA ASP A 297 -6.12 -7.57 16.37
C ASP A 297 -5.45 -7.93 15.06
N SER A 298 -6.22 -7.99 13.97
CA SER A 298 -5.64 -8.44 12.70
C SER A 298 -4.63 -7.43 12.17
N SER A 299 -4.86 -6.14 12.41
CA SER A 299 -3.93 -5.10 11.94
C SER A 299 -2.58 -5.23 12.61
N ILE A 300 -2.56 -5.31 13.95
CA ILE A 300 -1.31 -5.42 14.64
C ILE A 300 -0.61 -6.76 14.31
N LEU A 301 -1.37 -7.84 14.19
CA LEU A 301 -0.77 -9.13 13.80
C LEU A 301 -0.12 -9.06 12.39
N GLU A 302 -0.79 -8.37 11.46
CA GLU A 302 -0.21 -8.11 10.09
C GLU A 302 1.13 -7.37 10.19
N PHE A 303 1.15 -6.21 10.87
CA PHE A 303 2.34 -5.40 10.84
C PHE A 303 3.52 -5.83 11.69
N VAL A 304 3.23 -6.55 12.78
CA VAL A 304 4.27 -7.06 13.66
C VAL A 304 4.75 -8.44 13.19
N PHE A 305 3.84 -9.28 12.68
CA PHE A 305 4.20 -10.68 12.32
C PHE A 305 4.00 -11.07 10.84
N ARG A 306 3.40 -10.20 10.03
CA ARG A 306 2.84 -10.62 8.73
C ARG A 306 2.06 -11.92 8.90
N TYR A 307 1.18 -11.87 9.89
CA TYR A 307 0.50 -13.05 10.41
C TYR A 307 -0.34 -13.74 9.34
N ASN A 308 -0.26 -15.07 9.30
CA ASN A 308 -1.06 -15.85 8.34
C ASN A 308 -1.69 -17.08 9.01
N GLY A 309 -2.48 -16.82 10.05
CA GLY A 309 -3.28 -17.83 10.74
C GLY A 309 -2.58 -18.90 11.55
N GLN A 310 -1.27 -18.77 11.78
CA GLN A 310 -0.54 -19.82 12.51
C GLN A 310 -0.81 -19.74 14.02
N PRO A 311 -0.66 -20.86 14.74
CA PRO A 311 -0.75 -20.84 16.20
C PRO A 311 0.20 -19.81 16.86
N LEU A 312 -0.32 -19.07 17.84
CA LEU A 312 0.34 -17.89 18.38
C LEU A 312 1.65 -18.20 19.09
N ASP A 313 1.78 -19.42 19.63
CA ASP A 313 3.00 -19.84 20.35
C ASP A 313 4.13 -20.22 19.39
N GLU A 314 3.80 -20.38 18.10
CA GLU A 314 4.82 -20.55 17.05
C GLU A 314 5.46 -19.25 16.57
N LEU A 315 4.82 -18.11 16.84
CA LEU A 315 5.31 -16.81 16.34
C LEU A 315 6.56 -16.36 17.09
N PRO A 316 7.43 -15.59 16.41
CA PRO A 316 8.68 -15.18 17.08
C PRO A 316 8.45 -14.29 18.31
N GLN A 317 9.44 -14.26 19.20
CA GLN A 317 9.37 -13.49 20.44
C GLN A 317 10.70 -12.81 20.69
N ARG A 318 11.38 -12.40 19.63
CA ARG A 318 12.71 -11.79 19.74
C ARG A 318 12.68 -10.35 20.26
N SER A 319 11.62 -9.59 19.98
CA SER A 319 11.51 -8.19 20.40
C SER A 319 10.42 -7.98 21.45
N SER A 320 10.55 -6.87 22.16
CA SER A 320 9.56 -6.50 23.20
C SER A 320 8.15 -6.33 22.66
N LEU A 321 8.02 -5.81 21.43
CA LEU A 321 6.70 -5.70 20.80
C LEU A 321 6.14 -7.06 20.44
N GLU A 322 6.96 -7.94 19.87
CA GLU A 322 6.47 -9.30 19.56
C GLU A 322 5.92 -9.98 20.81
N ARG A 323 6.67 -9.90 21.89
CA ARG A 323 6.23 -10.48 23.18
C ARG A 323 4.95 -9.82 23.70
N ALA A 324 4.90 -8.50 23.62
CA ALA A 324 3.73 -7.72 24.04
C ALA A 324 2.46 -8.06 23.30
N VAL A 325 2.54 -8.19 21.98
CA VAL A 325 1.34 -8.48 21.19
C VAL A 325 0.73 -9.81 21.65
N ILE A 326 1.58 -10.81 21.80
CA ILE A 326 1.15 -12.16 22.16
C ILE A 326 0.65 -12.20 23.63
N ALA A 327 1.38 -11.59 24.54
CA ALA A 327 0.97 -11.58 25.96
C ALA A 327 -0.44 -10.99 26.14
N HIS A 328 -0.68 -9.84 25.49
CA HIS A 328 -1.95 -9.14 25.57
C HIS A 328 -3.11 -9.99 25.03
N LEU A 329 -2.90 -10.64 23.90
CA LEU A 329 -3.92 -11.52 23.34
C LEU A 329 -4.16 -12.76 24.20
N LYS A 330 -3.09 -13.30 24.77
CA LYS A 330 -3.17 -14.48 25.64
C LYS A 330 -3.90 -14.17 26.95
N ALA A 331 -3.80 -12.93 27.41
CA ALA A 331 -4.58 -12.49 28.56
C ALA A 331 -6.05 -12.22 28.27
N GLY A 332 -6.53 -12.52 27.06
CA GLY A 332 -7.94 -12.28 26.71
C GLY A 332 -8.29 -10.84 26.36
N ARG A 333 -7.27 -10.06 26.02
CA ARG A 333 -7.42 -8.63 25.75
C ARG A 333 -7.20 -8.43 24.25
N HIS A 334 -7.51 -7.23 23.77
CA HIS A 334 -7.54 -6.94 22.34
C HIS A 334 -6.83 -5.62 22.04
N TRP A 335 -6.29 -5.55 20.82
CA TRP A 335 -5.57 -4.38 20.34
C TRP A 335 -6.50 -3.61 19.42
N HIS A 336 -6.38 -2.28 19.40
CA HIS A 336 -7.29 -1.45 18.63
C HIS A 336 -6.53 -0.46 17.76
N MET A 337 -6.94 -0.34 16.50
CA MET A 337 -6.43 0.73 15.65
C MET A 337 -7.05 2.02 16.13
N ARG A 338 -6.24 3.04 16.34
CA ARG A 338 -6.76 4.32 16.77
C ARG A 338 -6.46 5.39 15.73
N THR A 339 -7.26 6.45 15.76
CA THR A 339 -7.20 7.53 14.81
C THR A 339 -6.86 8.83 15.49
N GLY A 340 -6.01 9.64 14.87
CA GLY A 340 -5.69 10.92 15.41
C GLY A 340 -5.06 11.83 14.42
N PHE A 341 -4.61 12.97 14.90
CA PHE A 341 -3.94 13.94 14.04
C PHE A 341 -2.76 14.60 14.72
N VAL A 342 -1.90 15.18 13.88
CA VAL A 342 -0.89 16.15 14.29
C VAL A 342 -0.89 17.33 13.37
N LYS A 343 -0.70 18.52 13.92
CA LYS A 343 -0.61 19.72 13.13
C LYS A 343 0.73 19.71 12.38
N LEU A 344 0.74 20.10 11.12
CA LEU A 344 1.95 20.06 10.32
C LEU A 344 2.76 21.31 10.63
N PRO A 345 4.09 21.16 10.75
CA PRO A 345 4.96 22.34 10.92
C PRO A 345 4.76 23.31 9.76
#